data_1FBL
#
_entry.id   1FBL
#
_cell.length_a   161.140
_cell.length_b   161.140
_cell.length_c   52.220
_cell.angle_alpha   90.00
_cell.angle_beta   90.00
_cell.angle_gamma   90.00
#
_symmetry.space_group_name_H-M   'I 41'
#
loop_
_entity.id
_entity.type
_entity.pdbx_description
1 polymer 'FIBROBLAST (INTERSTITIAL) COLLAGENASE (MMP-1)'
2 non-polymer 'CALCIUM ION'
3 non-polymer 'ZINC ION'
4 non-polymer "N-[3-(N'-HYDROXYCARBOXAMIDO)-2-(2-METHYLPROPYL)-PROPANOYL]-O-TYROSINE-N-METHYLAMIDE"
5 water water
#
_entity_poly.entity_id   1
_entity_poly.type   'polypeptide(L)'
_entity_poly.pdbx_seq_one_letter_code
;FVLTPGNPRWENTHLTYRIENYTPDLSREDVDRAIEKAFQLWSNVSPLTFTKVSEGQADIMISFVRGDHRDNSPFDGPGG
NLAHAFQPGPGIGGDAHFDEDERWTKNFRDYNLYRVAAHELGHSLGLSHSTDIGALMYPNYIYTGDVQLSQDDIDGIQAI
YGPSENPVQPSGPQTPQVCDSKLTFDAITTLRGELMFFKDRFYMRTNSFYPEVELNFISVFWPQVPNGLQAAYEIADRDE
VRFFKGNKYWAVRGQDVLYGYPKDIHRSFGFPSTVKNIDAAVFEEDTGKTYFFVAHECWRYDEYKQSMDTGYPKMIAEEF
PGIGNKVDAVFQKDGFLYFFHGTRQYQFDFKTKRILTLQKANSWFNCRKN
;
_entity_poly.pdbx_strand_id   A
#
loop_
_chem_comp.id
_chem_comp.type
_chem_comp.name
_chem_comp.formula
CA non-polymer 'CALCIUM ION' 'Ca 2'
HTA non-polymer N-[3-(N'-HYDROXYCARBOXAMIDO)-2-(2-METHYLPROPYL)-PROPANOYL]-O-TYROSINE-N-METHYLAMIDE 'C19 H29 N3 O5'
ZN non-polymer 'ZINC ION' 'Zn 2'
#
# COMPACT_ATOMS: atom_id res chain seq x y z
N PHE A 1 3.09 15.90 3.52
CA PHE A 1 3.85 16.09 4.75
C PHE A 1 3.56 17.45 5.37
N VAL A 2 3.82 17.61 6.65
CA VAL A 2 3.59 18.89 7.31
C VAL A 2 4.70 19.11 8.32
N LEU A 3 5.30 20.29 8.28
CA LEU A 3 6.42 20.61 9.17
C LEU A 3 5.86 21.32 10.40
N THR A 4 6.48 21.07 11.55
CA THR A 4 5.92 21.57 12.78
C THR A 4 6.06 23.10 12.81
N PRO A 5 4.99 23.77 13.21
CA PRO A 5 4.98 25.24 13.30
C PRO A 5 6.16 25.83 14.11
N GLY A 6 6.77 26.89 13.56
CA GLY A 6 7.93 27.50 14.18
C GLY A 6 9.20 26.85 13.66
N ASN A 7 9.00 25.79 12.87
CA ASN A 7 10.07 24.96 12.31
C ASN A 7 11.17 24.48 13.26
N PRO A 8 10.82 23.69 14.31
CA PRO A 8 11.81 23.17 15.23
C PRO A 8 12.61 22.14 14.47
N ARG A 9 13.93 22.33 14.40
CA ARG A 9 14.84 21.34 13.84
C ARG A 9 16.08 21.28 14.73
N TRP A 10 16.71 20.09 14.83
CA TRP A 10 17.90 19.93 15.67
C TRP A 10 19.07 20.62 15.00
N GLU A 11 19.68 21.57 15.69
CA GLU A 11 20.71 22.38 15.05
C GLU A 11 21.96 21.61 14.53
N ASN A 12 22.26 20.47 15.14
CA ASN A 12 23.29 19.57 14.61
C ASN A 12 22.60 18.31 14.16
N THR A 13 23.12 17.68 13.12
CA THR A 13 22.47 16.52 12.54
C THR A 13 22.83 15.17 13.17
N HIS A 14 23.81 15.14 14.07
CA HIS A 14 24.15 13.90 14.77
C HIS A 14 23.54 13.99 16.16
N LEU A 15 22.75 13.01 16.55
CA LEU A 15 22.17 13.07 17.87
C LEU A 15 22.43 11.83 18.71
N THR A 16 22.36 11.99 20.02
CA THR A 16 22.45 10.87 20.95
C THR A 16 20.99 10.48 21.27
N TYR A 17 20.81 9.32 21.88
CA TYR A 17 19.47 8.88 22.26
C TYR A 17 19.66 7.80 23.28
N ARG A 18 18.65 7.57 24.09
CA ARG A 18 18.82 6.63 25.17
C ARG A 18 17.49 6.06 25.57
N ILE A 19 17.47 4.74 25.75
CA ILE A 19 16.27 4.03 26.15
C ILE A 19 16.27 3.92 27.69
N GLU A 20 15.69 4.92 28.33
CA GLU A 20 15.70 4.99 29.77
C GLU A 20 15.16 3.76 30.41
N ASN A 21 14.11 3.17 29.83
CA ASN A 21 13.51 1.95 30.39
C ASN A 21 12.83 1.01 29.41
N TYR A 22 12.88 -0.28 29.70
CA TYR A 22 12.41 -1.30 28.80
C TYR A 22 11.09 -1.94 29.20
N THR A 23 10.33 -2.37 28.19
CA THR A 23 9.01 -3.00 28.38
C THR A 23 9.11 -4.50 28.62
N PRO A 24 8.46 -5.03 29.69
CA PRO A 24 8.50 -6.48 29.96
C PRO A 24 7.83 -7.30 28.85
N ASP A 25 7.13 -6.64 27.93
CA ASP A 25 6.45 -7.30 26.82
C ASP A 25 7.46 -7.98 25.86
N LEU A 26 8.60 -7.34 25.65
CA LEU A 26 9.65 -7.80 24.74
C LEU A 26 11.01 -7.91 25.44
N SER A 27 11.85 -8.86 25.03
CA SER A 27 13.21 -8.95 25.52
C SER A 27 13.88 -7.61 25.24
N ARG A 28 15.02 -7.38 25.89
CA ARG A 28 15.75 -6.12 25.74
C ARG A 28 16.28 -5.90 24.35
N GLU A 29 16.76 -6.96 23.73
CA GLU A 29 17.31 -6.89 22.39
C GLU A 29 16.19 -6.62 21.39
N ASP A 30 15.01 -7.16 21.64
CA ASP A 30 13.90 -6.92 20.74
C ASP A 30 13.42 -5.46 20.82
N VAL A 31 13.42 -4.91 22.03
CA VAL A 31 13.19 -3.48 22.24
C VAL A 31 14.37 -2.64 21.72
N ASP A 32 15.60 -3.20 21.72
CA ASP A 32 16.77 -2.52 21.20
C ASP A 32 16.74 -2.30 19.67
N ARG A 33 16.21 -3.27 18.91
CA ARG A 33 16.08 -3.18 17.46
C ARG A 33 14.84 -2.43 16.90
N ALA A 34 13.70 -2.49 17.60
CA ALA A 34 12.53 -1.73 17.16
C ALA A 34 12.95 -0.28 17.05
N ILE A 35 13.69 0.17 18.07
CA ILE A 35 14.20 1.53 18.14
C ILE A 35 15.25 1.78 17.06
N GLU A 36 16.41 1.10 17.06
CA GLU A 36 17.38 1.41 16.01
C GLU A 36 16.86 1.31 14.59
N LYS A 37 15.97 0.34 14.33
CA LYS A 37 15.35 0.26 13.01
C LYS A 37 14.50 1.52 12.77
N ALA A 38 13.75 1.95 13.78
CA ALA A 38 12.95 3.17 13.67
C ALA A 38 13.83 4.37 13.31
N PHE A 39 14.94 4.52 14.03
CA PHE A 39 15.96 5.58 13.80
C PHE A 39 16.57 5.42 12.43
N GLN A 40 16.83 4.16 12.07
CA GLN A 40 17.48 3.80 10.84
C GLN A 40 16.82 4.33 9.60
N LEU A 41 15.50 4.19 9.54
CA LEU A 41 14.78 4.68 8.38
C LEU A 41 14.79 6.21 8.16
N TRP A 42 14.97 6.97 9.23
CA TRP A 42 15.10 8.41 9.07
C TRP A 42 16.53 8.75 8.62
N SER A 43 17.50 7.93 8.97
CA SER A 43 18.88 8.13 8.53
C SER A 43 18.99 7.93 7.03
N ASN A 44 18.62 6.73 6.53
CA ASN A 44 18.73 6.36 5.12
C ASN A 44 18.43 7.40 4.08
N VAL A 45 17.77 8.49 4.47
CA VAL A 45 17.25 9.47 3.51
C VAL A 45 17.52 10.93 3.87
N SER A 46 18.41 11.16 4.82
CA SER A 46 18.72 12.49 5.27
C SER A 46 20.08 12.35 5.91
N PRO A 47 20.61 13.42 6.52
CA PRO A 47 21.95 13.35 7.12
C PRO A 47 22.03 13.10 8.63
N LEU A 48 20.93 12.62 9.21
CA LEU A 48 20.87 12.42 10.64
C LEU A 48 21.62 11.15 11.05
N THR A 49 22.50 11.27 12.04
CA THR A 49 23.20 10.12 12.64
C THR A 49 22.85 10.08 14.09
N PHE A 50 22.93 8.91 14.70
CA PHE A 50 22.44 8.72 16.06
C PHE A 50 23.33 7.76 16.85
N THR A 51 23.69 8.16 18.07
CA THR A 51 24.48 7.29 18.93
C THR A 51 23.61 6.94 20.13
N LYS A 52 23.37 5.65 20.34
CA LYS A 52 22.65 5.18 21.52
C LYS A 52 23.56 5.23 22.74
N VAL A 53 23.05 5.75 23.86
CA VAL A 53 23.84 5.73 25.10
C VAL A 53 23.12 4.95 26.21
N SER A 54 23.80 4.73 27.32
CA SER A 54 23.22 4.04 28.45
C SER A 54 23.38 4.80 29.76
N GLU A 55 23.89 6.03 29.72
CA GLU A 55 23.99 6.86 30.91
C GLU A 55 23.94 8.34 30.62
N GLY A 56 23.52 9.10 31.63
CA GLY A 56 23.33 10.52 31.48
C GLY A 56 22.26 10.88 30.45
N GLN A 57 22.06 12.18 30.24
CA GLN A 57 21.09 12.66 29.25
C GLN A 57 21.55 12.36 27.84
N ALA A 58 20.63 12.55 26.92
CA ALA A 58 20.85 12.34 25.51
C ALA A 58 19.77 13.20 24.91
N ASP A 59 19.83 13.49 23.63
CA ASP A 59 18.83 14.36 23.06
C ASP A 59 17.42 13.77 23.04
N ILE A 60 17.35 12.48 22.71
CA ILE A 60 16.08 11.78 22.65
C ILE A 60 16.04 10.71 23.72
N MET A 61 15.39 11.03 24.84
CA MET A 61 15.17 10.09 25.95
C MET A 61 13.90 9.33 25.61
N ILE A 62 13.93 8.02 25.74
CA ILE A 62 12.79 7.19 25.38
C ILE A 62 12.33 6.32 26.58
N SER A 63 11.11 6.55 27.02
CA SER A 63 10.58 5.81 28.15
C SER A 63 9.22 5.23 27.89
N PHE A 64 8.97 4.09 28.51
CA PHE A 64 7.67 3.46 28.50
C PHE A 64 6.99 3.87 29.79
N VAL A 65 5.85 4.52 29.65
CA VAL A 65 5.11 5.07 30.78
C VAL A 65 3.69 4.63 30.67
N ARG A 66 2.84 5.22 31.51
CA ARG A 66 1.42 4.95 31.51
C ARG A 66 0.73 5.91 32.44
N GLY A 67 -0.54 6.16 32.13
CA GLY A 67 -1.32 7.10 32.91
C GLY A 67 -0.73 8.48 32.92
N ASP A 68 -0.85 9.14 34.08
CA ASP A 68 -0.31 10.45 34.33
C ASP A 68 1.17 10.22 34.68
N HIS A 69 2.04 10.77 33.85
CA HIS A 69 3.44 10.67 34.14
C HIS A 69 4.00 12.05 34.21
N ARG A 70 3.14 13.06 34.32
CA ARG A 70 3.60 14.41 34.60
C ARG A 70 4.26 15.20 33.46
N ASP A 71 3.49 15.43 32.40
CA ASP A 71 3.95 16.23 31.26
C ASP A 71 2.76 16.90 30.58
N ASN A 72 1.63 16.98 31.31
CA ASN A 72 0.37 17.57 30.83
C ASN A 72 -0.23 16.89 29.62
N SER A 73 0.07 15.60 29.50
CA SER A 73 -0.48 14.70 28.48
C SER A 73 -0.45 13.30 29.12
N PRO A 74 -1.49 12.94 29.90
CA PRO A 74 -1.41 11.60 30.50
C PRO A 74 -1.98 10.52 29.55
N PHE A 75 -1.44 9.31 29.60
CA PHE A 75 -1.99 8.27 28.75
C PHE A 75 -3.37 7.81 29.24
N ASP A 76 -3.98 6.88 28.51
CA ASP A 76 -5.38 6.51 28.70
C ASP A 76 -5.63 5.02 28.98
N GLY A 77 -4.56 4.29 29.26
CA GLY A 77 -4.73 2.88 29.49
C GLY A 77 -4.62 2.15 28.19
N PRO A 78 -5.06 0.88 28.16
CA PRO A 78 -5.04 -0.02 27.01
C PRO A 78 -5.78 0.57 25.80
N GLY A 79 -5.12 0.48 24.64
CA GLY A 79 -5.64 1.00 23.39
C GLY A 79 -5.67 2.51 23.25
N GLY A 80 -6.37 2.94 22.22
CA GLY A 80 -6.55 4.35 21.95
C GLY A 80 -5.19 4.95 21.72
N ASN A 81 -4.86 5.97 22.51
CA ASN A 81 -3.56 6.63 22.59
C ASN A 81 -2.47 5.59 22.94
N LEU A 82 -1.53 5.43 21.99
CA LEU A 82 -0.42 4.47 22.05
C LEU A 82 0.87 5.12 22.50
N ALA A 83 1.20 6.27 21.91
CA ALA A 83 2.46 6.95 22.22
C ALA A 83 2.43 8.40 21.82
N HIS A 84 3.45 9.15 22.25
CA HIS A 84 3.67 10.56 21.91
C HIS A 84 5.14 11.01 22.09
N ALA A 85 5.51 12.10 21.43
CA ALA A 85 6.88 12.63 21.36
C ALA A 85 6.87 14.17 21.33
N PHE A 86 8.03 14.79 21.55
CA PHE A 86 8.13 16.25 21.59
C PHE A 86 9.16 16.80 20.58
N GLN A 87 8.82 17.93 19.97
CA GLN A 87 9.59 18.55 18.87
C GLN A 87 11.03 18.87 19.30
N PRO A 88 11.90 19.22 18.35
CA PRO A 88 13.28 19.55 18.70
C PRO A 88 13.38 20.70 19.73
N GLY A 89 14.18 20.49 20.77
CA GLY A 89 14.37 21.44 21.86
C GLY A 89 15.15 20.81 23.01
N PRO A 90 15.55 21.61 24.02
CA PRO A 90 16.30 21.13 25.19
C PRO A 90 15.30 20.54 26.16
N GLY A 91 15.83 19.89 27.21
CA GLY A 91 15.01 19.20 28.19
C GLY A 91 14.17 18.11 27.55
N ILE A 92 12.86 18.33 27.54
CA ILE A 92 11.89 17.37 27.00
C ILE A 92 11.84 17.29 25.45
N GLY A 93 12.30 18.33 24.77
CA GLY A 93 12.34 18.31 23.33
C GLY A 93 12.99 17.05 22.81
N GLY A 94 12.40 16.50 21.75
CA GLY A 94 12.88 15.28 21.13
C GLY A 94 12.50 13.99 21.83
N ASP A 95 11.98 14.09 23.06
CA ASP A 95 11.63 12.92 23.89
C ASP A 95 10.35 12.18 23.45
N ALA A 96 10.40 10.85 23.53
CA ALA A 96 9.28 9.99 23.10
C ALA A 96 8.87 9.07 24.26
N HIS A 97 7.57 9.06 24.59
CA HIS A 97 7.05 8.23 25.67
C HIS A 97 6.04 7.30 25.05
N PHE A 98 6.10 6.02 25.39
CA PHE A 98 5.19 5.00 24.84
C PHE A 98 4.33 4.48 26.00
N ASP A 99 3.02 4.30 25.79
CA ASP A 99 2.06 3.79 26.81
C ASP A 99 2.19 2.27 27.17
N GLU A 100 2.62 1.95 28.39
CA GLU A 100 2.96 0.58 28.79
C GLU A 100 1.77 -0.35 28.95
N ASP A 101 0.59 0.28 29.05
CA ASP A 101 -0.70 -0.41 29.09
C ASP A 101 -0.98 -1.07 27.76
N GLU A 102 -0.18 -0.73 26.72
CA GLU A 102 -0.23 -1.41 25.42
C GLU A 102 0.61 -2.70 25.40
N ARG A 103 0.09 -3.73 24.74
CA ARG A 103 0.85 -4.97 24.53
C ARG A 103 1.83 -4.69 23.38
N TRP A 104 3.10 -4.49 23.71
CA TRP A 104 4.07 -4.20 22.68
C TRP A 104 4.49 -5.45 21.93
N THR A 105 4.26 -5.48 20.62
CA THR A 105 4.52 -6.69 19.84
C THR A 105 5.63 -6.60 18.79
N LYS A 106 5.99 -7.76 18.27
CA LYS A 106 7.06 -7.89 17.28
C LYS A 106 6.51 -8.31 15.89
N ASN A 107 5.19 -8.42 15.79
CA ASN A 107 4.53 -8.83 14.56
C ASN A 107 3.31 -8.00 14.27
N PHE A 108 2.50 -8.46 13.35
CA PHE A 108 1.31 -7.72 12.95
C PHE A 108 0.38 -7.46 14.11
N ARG A 109 0.61 -8.15 15.21
CA ARG A 109 -0.34 -8.09 16.29
C ARG A 109 -0.37 -6.70 16.87
N ASP A 110 -1.55 -6.33 17.34
CA ASP A 110 -1.85 -5.01 17.85
C ASP A 110 -0.84 -4.36 18.73
N TYR A 111 -0.24 -3.34 18.09
CA TYR A 111 0.72 -2.37 18.57
C TYR A 111 2.13 -2.88 18.47
N ASN A 112 2.57 -2.94 17.23
CA ASN A 112 3.91 -3.31 16.83
C ASN A 112 4.76 -2.15 17.35
N LEU A 113 5.76 -2.40 18.19
CA LEU A 113 6.57 -1.26 18.67
C LEU A 113 7.34 -0.55 17.56
N TYR A 114 7.92 -1.30 16.63
CA TYR A 114 8.64 -0.71 15.49
C TYR A 114 7.80 0.34 14.75
N ARG A 115 6.57 -0.02 14.38
CA ARG A 115 5.61 0.86 13.68
C ARG A 115 5.32 2.17 14.40
N VAL A 116 5.16 2.09 15.72
CA VAL A 116 4.92 3.26 16.58
C VAL A 116 6.19 4.14 16.76
N ALA A 117 7.35 3.51 16.92
CA ALA A 117 8.61 4.22 17.11
C ALA A 117 9.02 5.08 15.94
N ALA A 118 8.70 4.62 14.73
CA ALA A 118 8.99 5.35 13.48
C ALA A 118 8.11 6.57 13.35
N HIS A 119 6.86 6.46 13.86
CA HIS A 119 5.96 7.59 13.87
C HIS A 119 6.49 8.69 14.76
N GLU A 120 6.60 8.38 16.06
CA GLU A 120 7.04 9.33 17.08
C GLU A 120 8.34 10.03 16.79
N LEU A 121 9.32 9.33 16.22
CA LEU A 121 10.64 9.92 15.87
C LEU A 121 10.57 11.04 14.84
N GLY A 122 9.69 10.90 13.85
CA GLY A 122 9.55 11.93 12.85
C GLY A 122 9.14 13.19 13.55
N HIS A 123 8.56 13.04 14.73
CA HIS A 123 8.15 14.18 15.52
C HIS A 123 9.37 14.76 16.17
N SER A 124 10.12 13.90 16.88
CA SER A 124 11.34 14.22 17.59
C SER A 124 12.29 14.99 16.71
N LEU A 125 12.22 14.74 15.40
CA LEU A 125 13.06 15.42 14.40
C LEU A 125 12.43 16.66 13.76
N GLY A 126 11.18 16.98 14.09
CA GLY A 126 10.56 18.21 13.60
C GLY A 126 9.31 18.11 12.72
N LEU A 127 8.81 16.91 12.49
CA LEU A 127 7.66 16.69 11.60
C LEU A 127 6.27 16.57 12.30
N SER A 128 5.20 16.88 11.59
CA SER A 128 3.84 16.74 12.12
C SER A 128 3.09 15.79 11.20
N HIS A 129 1.80 15.64 11.45
CA HIS A 129 1.00 14.65 10.75
C HIS A 129 0.77 14.95 9.32
N SER A 130 0.83 13.89 8.54
CA SER A 130 0.60 13.99 7.13
C SER A 130 -0.83 13.54 6.94
N THR A 131 -1.43 14.08 5.88
CA THR A 131 -2.77 13.69 5.50
C THR A 131 -2.68 12.47 4.54
N ASP A 132 -1.45 12.10 4.20
CA ASP A 132 -1.17 11.00 3.28
C ASP A 132 -1.54 9.76 4.05
N ILE A 133 -2.50 8.99 3.53
CA ILE A 133 -2.93 7.72 4.16
C ILE A 133 -1.78 6.70 4.27
N GLY A 134 -0.84 6.76 3.32
CA GLY A 134 0.25 5.79 3.28
C GLY A 134 1.46 6.21 4.08
N ALA A 135 1.48 7.42 4.58
CA ALA A 135 2.62 7.91 5.34
C ALA A 135 2.61 7.42 6.79
N LEU A 136 3.80 7.12 7.31
CA LEU A 136 3.96 6.63 8.69
C LEU A 136 3.64 7.78 9.63
N MET A 137 3.64 8.99 9.06
CA MET A 137 3.37 10.20 9.85
C MET A 137 1.92 10.62 9.78
N TYR A 138 1.11 9.78 9.14
CA TYR A 138 -0.33 9.91 9.24
C TYR A 138 -0.61 9.77 10.75
N PRO A 139 -1.72 10.37 11.26
CA PRO A 139 -2.12 10.38 12.69
C PRO A 139 -2.63 9.13 13.43
N ASN A 140 -3.13 8.13 12.71
CA ASN A 140 -3.65 6.92 13.32
C ASN A 140 -2.82 5.67 13.02
N TYR A 141 -2.84 4.71 13.94
CA TYR A 141 -2.14 3.45 13.75
C TYR A 141 -2.79 2.62 12.66
N ILE A 142 -2.05 2.36 11.58
CA ILE A 142 -2.50 1.39 10.58
C ILE A 142 -1.29 0.53 10.25
N TYR A 143 -1.20 -0.68 10.80
CA TYR A 143 -0.08 -1.58 10.48
C TYR A 143 -0.36 -2.38 9.19
N THR A 144 0.61 -2.38 8.25
CA THR A 144 0.40 -3.03 6.94
C THR A 144 1.29 -4.18 6.52
N GLY A 145 2.12 -4.67 7.42
CA GLY A 145 2.87 -5.87 7.09
C GLY A 145 4.36 -5.67 7.06
N ASP A 146 4.75 -4.42 7.24
CA ASP A 146 6.14 -3.99 7.23
C ASP A 146 6.05 -2.57 7.80
N VAL A 147 7.16 -1.84 7.77
CA VAL A 147 7.13 -0.48 8.26
C VAL A 147 8.11 0.19 7.35
N GLN A 148 7.62 0.79 6.27
CA GLN A 148 8.48 1.48 5.33
C GLN A 148 7.98 2.91 5.14
N LEU A 149 8.92 3.86 4.87
CA LEU A 149 8.59 5.27 4.60
C LEU A 149 8.08 5.45 3.19
N SER A 150 6.96 6.16 3.03
CA SER A 150 6.46 6.47 1.69
C SER A 150 7.26 7.69 1.15
N GLN A 151 6.93 8.18 -0.03
CA GLN A 151 7.65 9.32 -0.56
C GLN A 151 7.36 10.58 0.27
N ASP A 152 6.20 10.63 0.89
CA ASP A 152 5.78 11.80 1.68
C ASP A 152 6.68 12.02 2.91
N ASP A 153 6.90 10.98 3.72
CA ASP A 153 7.73 11.08 4.94
C ASP A 153 9.13 11.57 4.58
N ILE A 154 9.60 11.10 3.42
CA ILE A 154 10.89 11.41 2.85
C ILE A 154 10.98 12.88 2.47
N ASP A 155 9.97 13.40 1.79
CA ASP A 155 10.03 14.78 1.38
C ASP A 155 9.93 15.74 2.56
N GLY A 156 9.27 15.28 3.64
CA GLY A 156 9.08 16.12 4.81
C GLY A 156 10.37 16.31 5.57
N ILE A 157 11.12 15.22 5.73
CA ILE A 157 12.35 15.23 6.50
C ILE A 157 13.50 15.86 5.71
N GLN A 158 13.52 15.63 4.40
CA GLN A 158 14.49 16.27 3.53
C GLN A 158 14.18 17.76 3.33
N ALA A 159 12.93 18.15 3.62
CA ALA A 159 12.53 19.55 3.60
C ALA A 159 13.07 20.28 4.83
N ILE A 160 13.53 19.55 5.84
CA ILE A 160 14.10 20.15 7.07
C ILE A 160 15.62 19.94 7.06
N TYR A 161 16.06 18.73 6.71
CA TYR A 161 17.48 18.37 6.75
C TYR A 161 18.14 18.07 5.40
N GLY A 162 17.45 18.34 4.30
CA GLY A 162 18.03 18.05 3.01
C GLY A 162 18.19 16.57 2.89
N PRO A 163 18.54 16.07 1.70
CA PRO A 163 18.71 14.65 1.34
C PRO A 163 19.87 13.84 1.92
N SER A 164 20.22 12.81 1.15
CA SER A 164 21.43 12.00 1.29
C SER A 164 21.29 10.58 1.85
N GLU A 165 22.19 10.24 2.77
CA GLU A 165 22.35 8.93 3.44
C GLU A 165 22.30 7.57 2.69
N ASN A 166 22.08 7.63 1.37
CA ASN A 166 22.33 6.50 0.49
C ASN A 166 22.60 7.28 -0.77
N PRO A 167 23.83 7.84 -0.94
CA PRO A 167 24.16 8.60 -2.17
C PRO A 167 24.12 7.76 -3.46
N VAL A 168 22.90 7.29 -3.67
CA VAL A 168 22.32 6.59 -4.81
C VAL A 168 20.92 6.95 -4.26
N GLN A 169 20.69 8.26 -4.22
CA GLN A 169 19.56 8.89 -3.54
C GLN A 169 18.32 8.04 -3.45
N PRO A 170 17.87 7.78 -2.22
CA PRO A 170 16.70 6.96 -1.93
C PRO A 170 15.37 7.43 -2.54
N SER A 171 14.52 6.45 -2.80
CA SER A 171 13.21 6.69 -3.34
C SER A 171 12.31 5.88 -2.42
N GLY A 172 11.10 6.39 -2.19
CA GLY A 172 10.15 5.73 -1.32
C GLY A 172 8.83 5.71 -2.06
N PRO A 173 7.96 4.71 -1.77
CA PRO A 173 6.67 4.60 -2.44
C PRO A 173 5.78 5.85 -2.33
N GLN A 174 5.38 6.36 -3.49
CA GLN A 174 4.46 7.50 -3.60
C GLN A 174 3.01 6.97 -3.62
N THR A 175 2.19 7.51 -2.73
CA THR A 175 0.79 7.15 -2.65
C THR A 175 0.09 7.70 -3.88
N PRO A 176 -0.67 6.84 -4.58
CA PRO A 176 -1.45 7.22 -5.76
C PRO A 176 -2.19 8.55 -5.63
N GLN A 177 -2.12 9.31 -6.73
CA GLN A 177 -2.75 10.61 -6.93
C GLN A 177 -3.88 10.38 -7.90
N VAL A 178 -5.11 10.43 -7.39
CA VAL A 178 -6.29 10.10 -8.17
C VAL A 178 -6.47 10.87 -9.49
N CYS A 179 -6.22 12.18 -9.45
CA CYS A 179 -6.38 13.07 -10.59
C CYS A 179 -5.09 13.41 -11.32
N ASP A 180 -3.96 12.99 -10.77
CA ASP A 180 -2.70 13.16 -11.46
C ASP A 180 -2.85 12.46 -12.80
N SER A 181 -2.74 13.22 -13.88
CA SER A 181 -2.94 12.68 -15.22
C SER A 181 -1.81 11.79 -15.75
N LYS A 182 -0.77 11.53 -14.97
CA LYS A 182 0.26 10.57 -15.42
C LYS A 182 0.09 9.20 -14.75
N LEU A 183 -1.00 9.03 -14.00
CA LEU A 183 -1.34 7.79 -13.31
C LEU A 183 -1.84 6.63 -14.21
N THR A 184 -1.28 5.44 -13.97
CA THR A 184 -1.63 4.22 -14.69
C THR A 184 -1.97 3.15 -13.68
N PHE A 185 -2.56 2.06 -14.13
CA PHE A 185 -3.06 1.03 -13.25
C PHE A 185 -2.39 -0.33 -13.42
N ASP A 186 -2.38 -1.10 -12.32
CA ASP A 186 -1.86 -2.49 -12.24
C ASP A 186 -2.95 -3.47 -12.69
N ALA A 187 -4.13 -3.33 -12.08
CA ALA A 187 -5.30 -4.15 -12.37
C ALA A 187 -6.59 -3.40 -12.02
N ILE A 188 -7.72 -3.88 -12.50
CA ILE A 188 -9.00 -3.27 -12.21
C ILE A 188 -10.08 -4.33 -12.33
N THR A 189 -10.91 -4.46 -11.31
CA THR A 189 -12.06 -5.35 -11.41
C THR A 189 -13.26 -4.57 -10.99
N THR A 190 -14.35 -4.81 -11.69
CA THR A 190 -15.61 -4.26 -11.28
C THR A 190 -15.90 -5.20 -10.05
N LEU A 191 -16.58 -4.70 -9.04
CA LEU A 191 -16.81 -5.49 -7.81
C LEU A 191 -18.13 -5.10 -7.12
N ARG A 192 -19.16 -5.91 -7.35
CA ARG A 192 -20.50 -5.67 -6.81
C ARG A 192 -21.07 -4.26 -7.05
N GLY A 193 -21.04 -3.78 -8.29
CA GLY A 193 -21.60 -2.45 -8.54
C GLY A 193 -20.68 -1.27 -8.33
N GLU A 194 -19.44 -1.52 -7.92
CA GLU A 194 -18.41 -0.48 -7.76
C GLU A 194 -17.24 -0.97 -8.57
N LEU A 195 -16.23 -0.14 -8.72
CA LEU A 195 -15.05 -0.54 -9.47
C LEU A 195 -13.90 -0.49 -8.49
N MET A 196 -13.08 -1.52 -8.49
CA MET A 196 -11.89 -1.57 -7.64
C MET A 196 -10.65 -1.45 -8.55
N PHE A 197 -9.98 -0.31 -8.47
CA PHE A 197 -8.77 -0.03 -9.25
C PHE A 197 -7.58 -0.33 -8.33
N PHE A 198 -6.59 -1.05 -8.83
CA PHE A 198 -5.47 -1.47 -8.01
C PHE A 198 -4.17 -0.82 -8.44
N LYS A 199 -3.30 -0.48 -7.50
CA LYS A 199 -2.01 0.13 -7.86
C LYS A 199 -1.06 -0.01 -6.70
N ASP A 200 -0.06 -0.89 -6.85
CA ASP A 200 0.97 -1.08 -5.83
C ASP A 200 0.35 -1.66 -4.55
N ARG A 201 0.46 -0.91 -3.43
CA ARG A 201 -0.12 -1.26 -2.10
C ARG A 201 -1.55 -0.76 -1.97
N PHE A 202 -2.01 0.04 -2.93
CA PHE A 202 -3.26 0.76 -2.80
C PHE A 202 -4.39 0.33 -3.71
N TYR A 203 -5.61 0.49 -3.22
CA TYR A 203 -6.84 0.34 -4.01
C TYR A 203 -7.54 1.70 -4.10
N MET A 204 -8.12 1.95 -5.26
CA MET A 204 -8.92 3.14 -5.49
C MET A 204 -10.32 2.65 -5.78
N ARG A 205 -11.24 2.86 -4.85
CA ARG A 205 -12.61 2.41 -4.97
C ARG A 205 -13.49 3.57 -5.45
N THR A 206 -14.49 3.28 -6.29
CA THR A 206 -15.38 4.31 -6.82
C THR A 206 -16.75 3.81 -7.31
N ASN A 207 -17.27 4.61 -8.25
CA ASN A 207 -18.47 4.40 -9.06
C ASN A 207 -19.88 4.51 -8.46
N SER A 208 -20.41 3.42 -7.92
CA SER A 208 -21.73 3.46 -7.31
C SER A 208 -21.65 4.70 -6.38
N PHE A 209 -22.39 5.75 -6.75
CA PHE A 209 -22.56 7.02 -5.97
C PHE A 209 -21.43 7.82 -5.25
N TYR A 210 -20.16 7.44 -5.41
CA TYR A 210 -19.07 8.10 -4.68
C TYR A 210 -18.66 9.56 -5.02
N PRO A 211 -18.78 10.48 -4.03
CA PRO A 211 -18.38 11.88 -4.17
C PRO A 211 -16.86 11.94 -4.08
N GLU A 212 -16.20 11.19 -4.97
CA GLU A 212 -14.75 11.02 -5.05
C GLU A 212 -14.34 9.59 -4.72
N VAL A 213 -13.13 9.26 -5.15
CA VAL A 213 -12.55 7.96 -4.97
C VAL A 213 -12.09 7.78 -3.51
N GLU A 214 -12.01 6.52 -3.07
CA GLU A 214 -11.54 6.16 -1.74
C GLU A 214 -10.17 5.49 -1.88
N LEU A 215 -9.15 6.07 -1.33
CA LEU A 215 -7.82 5.51 -1.47
C LEU A 215 -7.49 4.88 -0.12
N ASN A 216 -6.96 3.65 -0.12
CA ASN A 216 -6.53 2.99 1.13
C ASN A 216 -5.74 1.74 0.76
N PHE A 217 -5.25 1.00 1.74
CA PHE A 217 -4.42 -0.18 1.50
C PHE A 217 -5.19 -1.43 1.08
N ILE A 218 -4.62 -2.18 0.16
CA ILE A 218 -5.17 -3.45 -0.28
C ILE A 218 -5.32 -4.34 0.96
N SER A 219 -4.31 -4.27 1.83
CA SER A 219 -4.26 -5.10 3.04
C SER A 219 -5.18 -4.71 4.18
N VAL A 220 -5.79 -3.53 4.09
CA VAL A 220 -6.76 -3.09 5.09
C VAL A 220 -8.12 -3.58 4.60
N PHE A 221 -8.23 -3.83 3.31
CA PHE A 221 -9.46 -4.30 2.69
C PHE A 221 -9.54 -5.82 2.77
N TRP A 222 -8.51 -6.51 2.27
CA TRP A 222 -8.48 -7.97 2.30
C TRP A 222 -7.30 -8.62 3.01
N PRO A 223 -7.52 -9.86 3.53
CA PRO A 223 -6.55 -10.70 4.25
C PRO A 223 -5.32 -11.03 3.38
N GLN A 224 -5.43 -12.05 2.54
CA GLN A 224 -4.28 -12.62 1.83
C GLN A 224 -3.73 -11.87 0.63
N VAL A 225 -4.61 -11.11 -0.01
CA VAL A 225 -4.27 -10.44 -1.25
C VAL A 225 -2.93 -9.66 -1.25
N PRO A 226 -1.99 -10.05 -2.13
CA PRO A 226 -0.66 -9.41 -2.22
C PRO A 226 -0.72 -7.97 -2.67
N ASN A 227 0.42 -7.28 -2.57
CA ASN A 227 0.57 -5.95 -3.13
C ASN A 227 1.15 -6.23 -4.50
N GLY A 228 1.10 -5.27 -5.42
CA GLY A 228 1.60 -5.50 -6.76
C GLY A 228 0.74 -6.48 -7.56
N LEU A 229 -0.58 -6.35 -7.45
CA LEU A 229 -1.44 -7.24 -8.20
C LEU A 229 -1.12 -7.05 -9.68
N GLN A 230 -1.32 -8.08 -10.50
CA GLN A 230 -1.09 -8.00 -11.96
C GLN A 230 -2.38 -7.99 -12.73
N ALA A 231 -3.36 -8.71 -12.25
CA ALA A 231 -4.72 -8.68 -12.80
C ALA A 231 -5.70 -9.08 -11.68
N ALA A 232 -6.97 -8.67 -11.79
CA ALA A 232 -8.02 -8.99 -10.82
C ALA A 232 -9.33 -9.07 -11.56
N TYR A 233 -10.08 -10.15 -11.46
CA TYR A 233 -11.36 -10.16 -12.14
C TYR A 233 -12.42 -10.73 -11.20
N GLU A 234 -13.66 -10.62 -11.64
CA GLU A 234 -14.83 -11.00 -10.86
C GLU A 234 -15.73 -11.99 -11.60
N ILE A 235 -16.35 -12.91 -10.84
CA ILE A 235 -17.42 -13.78 -11.36
C ILE A 235 -18.59 -13.54 -10.43
N ALA A 236 -19.49 -12.68 -10.87
CA ALA A 236 -20.67 -12.27 -10.12
C ALA A 236 -21.60 -13.39 -9.59
N ASP A 237 -22.03 -14.27 -10.49
CA ASP A 237 -22.94 -15.36 -10.11
C ASP A 237 -22.36 -16.29 -9.07
N ARG A 238 -21.04 -16.39 -9.06
CA ARG A 238 -20.36 -17.19 -8.08
C ARG A 238 -19.93 -16.29 -6.91
N ASP A 239 -20.53 -15.09 -6.86
CA ASP A 239 -20.19 -14.06 -5.86
C ASP A 239 -18.69 -14.15 -5.51
N GLU A 240 -17.85 -14.00 -6.52
CA GLU A 240 -16.45 -14.35 -6.35
C GLU A 240 -15.56 -13.37 -7.09
N VAL A 241 -14.34 -13.20 -6.56
CA VAL A 241 -13.32 -12.30 -7.13
C VAL A 241 -11.99 -13.03 -7.11
N ARG A 242 -11.12 -12.76 -8.08
CA ARG A 242 -9.82 -13.43 -8.20
C ARG A 242 -8.73 -12.39 -8.42
N PHE A 243 -7.58 -12.63 -7.81
CA PHE A 243 -6.42 -11.74 -7.90
C PHE A 243 -5.22 -12.53 -8.38
N PHE A 244 -4.32 -11.87 -9.11
CA PHE A 244 -3.24 -12.59 -9.74
C PHE A 244 -1.90 -11.91 -9.47
N LYS A 245 -0.89 -12.68 -9.09
CA LYS A 245 0.45 -12.15 -8.96
C LYS A 245 1.42 -13.27 -9.30
N GLY A 246 2.35 -12.98 -10.23
CA GLY A 246 3.28 -13.99 -10.73
C GLY A 246 2.46 -15.17 -11.19
N ASN A 247 2.81 -16.37 -10.71
CA ASN A 247 2.14 -17.61 -11.10
C ASN A 247 1.17 -18.11 -10.07
N LYS A 248 0.62 -17.23 -9.25
CA LYS A 248 -0.31 -17.65 -8.21
C LYS A 248 -1.54 -16.77 -8.21
N TYR A 249 -2.66 -17.29 -7.71
CA TYR A 249 -3.89 -16.51 -7.58
C TYR A 249 -4.77 -16.90 -6.37
N TRP A 250 -5.42 -15.90 -5.78
CA TRP A 250 -6.31 -16.03 -4.62
C TRP A 250 -7.71 -15.79 -5.14
N ALA A 251 -8.67 -16.55 -4.63
CA ALA A 251 -10.08 -16.36 -4.95
C ALA A 251 -10.70 -15.92 -3.64
N VAL A 252 -11.68 -15.02 -3.71
CA VAL A 252 -12.29 -14.44 -2.53
C VAL A 252 -13.81 -14.38 -2.68
N ARG A 253 -14.50 -14.85 -1.66
CA ARG A 253 -15.95 -14.74 -1.62
C ARG A 253 -16.31 -13.80 -0.48
N GLY A 254 -16.65 -12.57 -0.84
CA GLY A 254 -17.05 -11.58 0.11
C GLY A 254 -16.23 -11.56 1.38
N GLN A 255 -15.25 -10.64 1.42
CA GLN A 255 -14.45 -10.31 2.61
C GLN A 255 -13.28 -11.27 2.96
N ASP A 256 -13.33 -12.54 2.55
CA ASP A 256 -12.20 -13.43 2.76
C ASP A 256 -11.91 -14.50 1.71
N VAL A 257 -10.63 -14.86 1.62
CA VAL A 257 -10.09 -15.83 0.66
C VAL A 257 -10.64 -17.25 0.87
N LEU A 258 -11.11 -17.85 -0.22
CA LEU A 258 -11.68 -19.21 -0.22
C LEU A 258 -10.72 -20.31 0.22
N TYR A 259 -11.25 -21.46 0.60
CA TYR A 259 -10.47 -22.51 1.24
C TYR A 259 -9.17 -22.93 0.53
N GLY A 260 -8.05 -22.80 1.23
CA GLY A 260 -6.76 -23.14 0.64
C GLY A 260 -6.59 -22.52 -0.75
N TYR A 261 -6.64 -21.19 -0.82
CA TYR A 261 -6.66 -20.55 -2.10
C TYR A 261 -5.49 -19.86 -2.71
N PRO A 262 -4.41 -19.64 -1.98
CA PRO A 262 -3.38 -19.07 -2.86
C PRO A 262 -2.91 -20.24 -3.73
N LYS A 263 -3.42 -20.35 -4.96
CA LYS A 263 -3.02 -21.48 -5.82
C LYS A 263 -2.39 -21.13 -7.18
N ASP A 264 -2.10 -22.17 -7.96
CA ASP A 264 -1.31 -22.07 -9.19
C ASP A 264 -2.13 -21.80 -10.45
N ILE A 265 -1.66 -20.84 -11.26
CA ILE A 265 -2.31 -20.49 -12.54
C ILE A 265 -2.08 -21.56 -13.59
N HIS A 266 -0.97 -22.26 -13.47
CA HIS A 266 -0.61 -23.32 -14.41
C HIS A 266 -1.38 -24.59 -14.12
N ARG A 267 -1.46 -24.95 -12.84
CA ARG A 267 -2.28 -26.09 -12.42
C ARG A 267 -3.79 -25.82 -12.62
N SER A 268 -4.29 -24.71 -12.05
CA SER A 268 -5.72 -24.37 -12.16
C SER A 268 -6.27 -23.94 -13.52
N PHE A 269 -5.45 -23.28 -14.34
CA PHE A 269 -5.92 -22.73 -15.63
C PHE A 269 -5.36 -23.35 -16.92
N GLY A 270 -4.25 -24.07 -16.83
CA GLY A 270 -3.68 -24.70 -18.01
C GLY A 270 -2.90 -23.74 -18.87
N PHE A 271 -1.81 -23.21 -18.33
CA PHE A 271 -0.96 -22.25 -19.05
C PHE A 271 0.41 -22.86 -19.35
N PRO A 272 1.04 -22.47 -20.48
CA PRO A 272 2.37 -22.97 -20.81
C PRO A 272 3.36 -22.48 -19.75
N SER A 273 4.45 -23.22 -19.56
CA SER A 273 5.53 -22.88 -18.63
C SER A 273 6.12 -21.51 -18.90
N THR A 274 6.05 -21.10 -20.17
CA THR A 274 6.54 -19.80 -20.59
C THR A 274 5.77 -18.65 -19.91
N VAL A 275 4.55 -18.96 -19.46
CA VAL A 275 3.63 -18.00 -18.83
C VAL A 275 4.02 -17.72 -17.38
N LYS A 276 4.95 -16.81 -17.19
CA LYS A 276 5.46 -16.48 -15.86
C LYS A 276 4.57 -15.54 -15.05
N ASN A 277 3.60 -14.91 -15.72
CA ASN A 277 2.65 -13.98 -15.09
C ASN A 277 1.64 -13.43 -16.10
N ILE A 278 0.48 -12.97 -15.64
CA ILE A 278 -0.50 -12.37 -16.55
C ILE A 278 -0.63 -10.84 -16.46
N ASP A 279 -1.32 -10.23 -17.43
CA ASP A 279 -1.42 -8.79 -17.50
C ASP A 279 -2.77 -8.17 -17.17
N ALA A 280 -3.85 -8.90 -17.44
CA ALA A 280 -5.20 -8.45 -17.15
C ALA A 280 -6.15 -9.64 -17.33
N ALA A 281 -7.41 -9.52 -16.94
CA ALA A 281 -8.37 -10.62 -17.16
C ALA A 281 -9.79 -10.12 -17.03
N VAL A 282 -10.72 -10.63 -17.83
CA VAL A 282 -12.13 -10.21 -17.77
C VAL A 282 -13.12 -11.34 -18.06
N PHE A 283 -14.05 -11.58 -17.13
CA PHE A 283 -15.15 -12.56 -17.30
C PHE A 283 -16.20 -11.88 -18.16
N GLU A 284 -16.32 -12.35 -19.39
CA GLU A 284 -17.27 -11.80 -20.31
C GLU A 284 -18.53 -12.54 -19.99
N GLU A 285 -19.41 -11.93 -19.21
CA GLU A 285 -20.62 -12.58 -18.74
C GLU A 285 -21.67 -12.97 -19.80
N ASP A 286 -21.58 -12.37 -20.98
CA ASP A 286 -22.55 -12.70 -22.03
C ASP A 286 -22.24 -14.11 -22.55
N THR A 287 -20.99 -14.31 -22.96
CA THR A 287 -20.53 -15.57 -23.56
C THR A 287 -20.10 -16.59 -22.51
N GLY A 288 -19.87 -16.13 -21.29
CA GLY A 288 -19.48 -17.04 -20.22
C GLY A 288 -18.01 -17.44 -20.28
N LYS A 289 -17.21 -16.61 -20.96
CA LYS A 289 -15.77 -16.82 -21.08
C LYS A 289 -14.99 -15.68 -20.46
N THR A 290 -13.87 -16.01 -19.86
CA THR A 290 -12.94 -15.05 -19.29
C THR A 290 -11.81 -14.90 -20.29
N TYR A 291 -11.36 -13.68 -20.54
CA TYR A 291 -10.19 -13.47 -21.40
C TYR A 291 -9.02 -13.09 -20.54
N PHE A 292 -7.92 -13.82 -20.70
CA PHE A 292 -6.69 -13.52 -19.98
C PHE A 292 -5.78 -12.86 -21.02
N PHE A 293 -5.08 -11.81 -20.61
CA PHE A 293 -4.18 -11.10 -21.50
C PHE A 293 -2.74 -11.32 -21.05
N VAL A 294 -1.91 -11.86 -21.93
CA VAL A 294 -0.53 -12.21 -21.61
C VAL A 294 0.33 -11.60 -22.74
N ALA A 295 1.01 -10.52 -22.39
CA ALA A 295 1.82 -9.73 -23.35
C ALA A 295 0.87 -9.28 -24.45
N HIS A 296 0.86 -9.94 -25.61
CA HIS A 296 -0.02 -9.61 -26.75
C HIS A 296 -0.80 -10.81 -27.22
N GLU A 297 -1.21 -11.62 -26.24
CA GLU A 297 -1.91 -12.86 -26.46
C GLU A 297 -3.13 -12.81 -25.58
N CYS A 298 -4.29 -13.15 -26.14
CA CYS A 298 -5.56 -13.20 -25.43
C CYS A 298 -5.91 -14.68 -25.35
N TRP A 299 -6.05 -15.22 -24.14
CA TRP A 299 -6.54 -16.60 -23.93
C TRP A 299 -8.02 -16.60 -23.55
N ARG A 300 -8.80 -17.51 -24.11
CA ARG A 300 -10.18 -17.57 -23.70
C ARG A 300 -10.32 -18.84 -22.92
N TYR A 301 -11.09 -18.74 -21.85
CA TYR A 301 -11.22 -19.78 -20.85
C TYR A 301 -12.69 -20.10 -20.50
N ASP A 302 -13.13 -21.31 -20.84
CA ASP A 302 -14.47 -21.72 -20.50
C ASP A 302 -14.51 -21.85 -19.00
N GLU A 303 -14.92 -20.78 -18.36
CA GLU A 303 -14.99 -20.70 -16.92
C GLU A 303 -15.79 -21.88 -16.32
N TYR A 304 -16.94 -22.17 -16.93
CA TYR A 304 -17.82 -23.21 -16.43
C TYR A 304 -17.24 -24.63 -16.44
N LYS A 305 -16.00 -24.81 -16.91
CA LYS A 305 -15.47 -26.17 -17.06
C LYS A 305 -13.97 -26.27 -16.94
N GLN A 306 -13.27 -25.17 -17.17
CA GLN A 306 -11.80 -25.10 -17.20
C GLN A 306 -11.23 -25.47 -18.58
N SER A 307 -12.12 -25.56 -19.56
CA SER A 307 -11.71 -25.84 -20.92
C SER A 307 -11.11 -24.56 -21.53
N MET A 308 -9.77 -24.49 -21.56
CA MET A 308 -9.08 -23.41 -22.28
C MET A 308 -9.51 -23.63 -23.72
N ASP A 309 -10.29 -22.72 -24.27
CA ASP A 309 -10.82 -22.93 -25.61
C ASP A 309 -9.75 -23.15 -26.65
N THR A 310 -10.09 -24.03 -27.59
CA THR A 310 -9.17 -24.59 -28.60
C THR A 310 -7.85 -23.89 -28.95
N GLY A 311 -6.82 -24.19 -28.17
CA GLY A 311 -5.49 -23.60 -28.38
C GLY A 311 -5.35 -22.20 -27.80
N TYR A 312 -6.01 -21.26 -28.46
CA TYR A 312 -6.12 -19.88 -28.04
C TYR A 312 -4.99 -18.91 -27.70
N PRO A 313 -3.71 -19.25 -27.92
CA PRO A 313 -2.84 -18.12 -27.63
C PRO A 313 -2.97 -17.29 -28.92
N LYS A 314 -3.90 -16.33 -28.91
CA LYS A 314 -4.19 -15.51 -30.08
C LYS A 314 -3.58 -14.11 -30.06
N MET A 315 -3.68 -13.42 -31.18
CA MET A 315 -3.16 -12.07 -31.30
C MET A 315 -4.21 -11.07 -30.83
N ILE A 316 -3.93 -10.36 -29.74
CA ILE A 316 -4.84 -9.33 -29.22
C ILE A 316 -5.26 -8.46 -30.42
N ALA A 317 -4.30 -8.14 -31.28
CA ALA A 317 -4.53 -7.30 -32.46
C ALA A 317 -5.65 -7.78 -33.40
N GLU A 318 -5.83 -9.09 -33.48
CA GLU A 318 -6.91 -9.67 -34.28
C GLU A 318 -8.17 -9.91 -33.42
N GLU A 319 -7.97 -10.15 -32.13
CA GLU A 319 -9.08 -10.41 -31.20
C GLU A 319 -9.84 -9.16 -30.81
N PHE A 320 -9.11 -8.18 -30.28
CA PHE A 320 -9.67 -6.89 -29.87
C PHE A 320 -8.97 -5.79 -30.65
N PRO A 321 -9.46 -5.52 -31.86
CA PRO A 321 -8.98 -4.57 -32.86
C PRO A 321 -8.78 -3.10 -32.46
N GLY A 322 -7.54 -2.61 -32.55
CA GLY A 322 -7.29 -1.20 -32.37
C GLY A 322 -6.70 -0.74 -31.04
N ILE A 323 -6.67 -1.67 -30.07
CA ILE A 323 -6.16 -1.37 -28.74
C ILE A 323 -4.62 -1.52 -28.62
N GLY A 324 -4.02 -2.41 -29.39
CA GLY A 324 -2.57 -2.50 -29.38
C GLY A 324 -1.87 -3.84 -29.24
N ASN A 325 -0.77 -3.80 -28.49
CA ASN A 325 0.12 -4.93 -28.31
C ASN A 325 0.16 -5.45 -26.86
N LYS A 326 -0.47 -4.70 -25.95
CA LYS A 326 -0.49 -5.07 -24.54
C LYS A 326 -1.60 -4.35 -23.84
N VAL A 327 -1.99 -4.89 -22.69
CA VAL A 327 -3.06 -4.35 -21.87
C VAL A 327 -2.57 -4.19 -20.41
N ASP A 328 -3.00 -3.13 -19.75
CA ASP A 328 -2.68 -2.89 -18.35
C ASP A 328 -3.75 -3.51 -17.45
N ALA A 329 -5.02 -3.26 -17.76
CA ALA A 329 -6.17 -3.71 -16.96
C ALA A 329 -7.44 -3.58 -17.80
N VAL A 330 -8.46 -4.38 -17.51
CA VAL A 330 -9.70 -4.37 -18.29
C VAL A 330 -10.85 -4.84 -17.41
N PHE A 331 -12.06 -4.35 -17.68
CA PHE A 331 -13.27 -4.82 -16.99
C PHE A 331 -14.42 -4.70 -17.94
N GLN A 332 -15.57 -5.21 -17.52
CA GLN A 332 -16.76 -5.17 -18.34
C GLN A 332 -17.85 -4.40 -17.59
N LYS A 333 -18.21 -3.23 -18.10
CA LYS A 333 -19.27 -2.46 -17.48
C LYS A 333 -20.25 -1.96 -18.51
N ASP A 334 -21.52 -2.04 -18.16
CA ASP A 334 -22.62 -1.68 -19.06
C ASP A 334 -22.55 -2.51 -20.36
N GLY A 335 -21.93 -3.68 -20.28
CA GLY A 335 -21.74 -4.51 -21.46
C GLY A 335 -20.43 -4.23 -22.20
N PHE A 336 -19.94 -3.00 -22.07
CA PHE A 336 -18.72 -2.63 -22.78
C PHE A 336 -17.54 -3.20 -22.04
N LEU A 337 -16.40 -3.24 -22.71
CA LEU A 337 -15.19 -3.65 -22.05
C LEU A 337 -14.34 -2.40 -22.01
N TYR A 338 -13.70 -2.15 -20.88
CA TYR A 338 -12.86 -0.99 -20.77
C TYR A 338 -11.42 -1.46 -20.71
N PHE A 339 -10.71 -1.24 -21.81
CA PHE A 339 -9.34 -1.69 -21.95
C PHE A 339 -8.38 -0.61 -21.59
N PHE A 340 -7.39 -0.92 -20.73
CA PHE A 340 -6.47 0.09 -20.22
C PHE A 340 -5.07 -0.08 -20.72
N HIS A 341 -4.40 1.02 -21.00
CA HIS A 341 -2.99 0.94 -21.29
C HIS A 341 -2.32 2.27 -21.08
N GLY A 342 -1.58 2.39 -19.99
CA GLY A 342 -1.00 3.66 -19.65
C GLY A 342 -2.11 4.56 -19.16
N THR A 343 -2.11 5.77 -19.68
CA THR A 343 -3.08 6.80 -19.27
C THR A 343 -4.30 6.90 -20.15
N ARG A 344 -4.40 6.05 -21.18
CA ARG A 344 -5.55 6.03 -22.08
C ARG A 344 -6.34 4.72 -22.02
N GLN A 345 -7.67 4.82 -22.05
CA GLN A 345 -8.56 3.67 -21.99
C GLN A 345 -9.50 3.71 -23.17
N TYR A 346 -9.87 2.53 -23.63
CA TYR A 346 -10.69 2.42 -24.82
C TYR A 346 -12.01 1.75 -24.47
N GLN A 347 -13.11 2.37 -24.87
CA GLN A 347 -14.44 1.79 -24.70
C GLN A 347 -14.66 0.90 -25.88
N PHE A 348 -14.78 -0.39 -25.64
CA PHE A 348 -14.91 -1.38 -26.71
C PHE A 348 -16.29 -1.99 -26.73
N ASP A 349 -16.85 -2.17 -27.93
CA ASP A 349 -18.15 -2.83 -28.08
C ASP A 349 -17.85 -4.27 -28.44
N PHE A 350 -18.04 -5.17 -27.50
CA PHE A 350 -17.63 -6.54 -27.74
C PHE A 350 -18.36 -7.21 -28.92
N LYS A 351 -19.55 -6.71 -29.21
CA LYS A 351 -20.46 -7.29 -30.18
C LYS A 351 -20.19 -6.81 -31.60
N THR A 352 -19.62 -5.62 -31.74
CA THR A 352 -19.30 -5.11 -33.05
C THR A 352 -17.79 -5.05 -33.25
N LYS A 353 -17.04 -5.51 -32.24
CA LYS A 353 -15.58 -5.55 -32.29
C LYS A 353 -14.89 -4.27 -32.77
N ARG A 354 -15.32 -3.15 -32.17
CA ARG A 354 -14.79 -1.83 -32.50
C ARG A 354 -14.82 -0.88 -31.32
N ILE A 355 -13.73 -0.14 -31.15
CA ILE A 355 -13.58 0.91 -30.15
C ILE A 355 -14.63 1.99 -30.44
N LEU A 356 -15.42 2.36 -29.42
CA LEU A 356 -16.42 3.43 -29.58
C LEU A 356 -15.84 4.78 -29.20
N THR A 357 -15.19 4.87 -28.06
CA THR A 357 -14.53 6.12 -27.67
C THR A 357 -13.19 5.86 -26.99
N LEU A 358 -12.37 6.90 -26.92
CA LEU A 358 -11.10 6.86 -26.21
C LEU A 358 -11.29 7.89 -25.10
N GLN A 359 -10.93 7.51 -23.89
CA GLN A 359 -11.02 8.39 -22.74
C GLN A 359 -9.74 8.27 -21.93
N LYS A 360 -9.66 9.02 -20.85
CA LYS A 360 -8.47 8.95 -20.00
C LYS A 360 -8.65 7.78 -19.06
N ALA A 361 -7.56 7.36 -18.42
CA ALA A 361 -7.61 6.30 -17.43
C ALA A 361 -8.38 6.78 -16.18
N ASN A 362 -8.33 8.09 -15.94
CA ASN A 362 -8.97 8.67 -14.78
C ASN A 362 -10.42 9.14 -14.94
N SER A 363 -11.07 8.83 -16.06
CA SER A 363 -12.40 9.39 -16.32
C SER A 363 -13.45 9.07 -15.26
N TRP A 364 -13.40 7.86 -14.68
CA TRP A 364 -14.34 7.43 -13.64
C TRP A 364 -14.09 8.09 -12.27
N PHE A 365 -12.93 8.75 -12.16
CA PHE A 365 -12.45 9.33 -10.91
C PHE A 365 -13.01 10.65 -10.50
N ASN A 366 -14.11 11.08 -11.12
CA ASN A 366 -14.78 12.29 -10.67
C ASN A 366 -13.76 13.45 -10.79
N CYS A 367 -12.81 13.31 -11.71
CA CYS A 367 -11.80 14.35 -11.84
C CYS A 367 -12.23 15.38 -12.86
CA CA B . 2.83 -3.45 28.32
CA CA C . -1.68 -5.66 -15.37
CA CA D . 15.60 16.05 25.15
CA CA E . -3.37 3.74 25.40
ZN ZN F . 4.46 11.78 28.06
ZN ZN G . 1.58 11.67 16.11
C1 HTA H . 0.32 10.16 17.88
C2 HTA H . -0.58 9.00 18.48
C3 HTA H . -0.99 7.91 17.46
C4 HTA H . -2.07 7.02 18.14
C5 HTA H . 0.26 7.06 17.11
C6 HTA H . 0.15 6.22 15.79
C7 HTA H . -0.11 7.08 14.56
C8 HTA H . 1.43 5.45 15.58
C9 HTA H . -4.54 6.22 17.99
C10 HTA H . -4.74 4.89 17.22
C11 HTA H . -5.81 7.12 17.77
C12 HTA H . -5.76 8.19 18.82
C13 HTA H . -4.97 9.29 18.63
C14 HTA H . -6.45 8.03 20.02
C15 HTA H . -4.84 10.24 19.64
C16 HTA H . -6.32 8.98 21.02
C17 HTA H . -5.50 10.07 20.83
C18 HTA H . -5.36 2.50 17.38
C19 HTA H . -4.66 12.20 21.33
N1 HTA H . 1.56 10.23 18.35
N2 HTA H . -3.29 6.96 17.52
N3 HTA H . -5.07 3.81 17.97
O1 HTA H . 2.51 11.31 17.82
O2 HTA H . -0.13 10.97 17.00
O3 HTA H . -1.82 6.47 19.13
O4 HTA H . -4.63 4.83 15.99
O5 HTA H . -5.36 11.03 21.84
#